data_8GZ5
#
_entry.id   8GZ5
#
_cell.length_a   82.680
_cell.length_b   82.680
_cell.length_c   162.479
_cell.angle_alpha   90.000
_cell.angle_beta   90.000
_cell.angle_gamma   120.000
#
_symmetry.space_group_name_H-M   'P 32 2 1'
#
loop_
_entity.id
_entity.type
_entity.pdbx_description
1 polymer 'Spike protein S1'
2 polymer 'Nanobody P17'
3 branched 2-acetamido-2-deoxy-beta-D-glucopyranose-(1-4)-[alpha-L-fucopyranose-(1-6)]2-acetamido-2-deoxy-beta-D-glucopyranose
4 non-polymer 1,2-ETHANEDIOL
5 water water
#
loop_
_entity_poly.entity_id
_entity_poly.type
_entity_poly.pdbx_seq_one_letter_code
_entity_poly.pdbx_strand_id
1 'polypeptide(L)'
;TNLCPFGEVFNATRFASVYAWNRKRISNCVADYSVLYNSASFSTFKCYGVSPTKLNDLCFTNVYADSFVIRGDEVRQIAP
GQTGKIADYNYKLPDDFTGCVIAWNSNNLDSKVGGNYNYLYRLFRKSNLKPFERDISTEIYQAGSTPCNGVEGFNCYFPL
QSYGFQPTYGVGYQPYRVVVLSFELLHAPATVCGPKKSHHHHHHHH
;
A
2 'polypeptide(L)'
;QVQLQESGGGLVQAGGSLRLSCAASGRTSSVYNMAWFRQTPGKEREFVAAITGNGGTTLYADSVKGRLTISRGNAKNTVS
LQMNVLKPDDTAVYYCAAGGWGKERNYAYWGQGTQVTVSSHHHHHH
;
B
#
# COMPACT_ATOMS: atom_id res chain seq x y z
N ASN A 2 23.29 23.42 14.93
CA ASN A 2 22.31 22.35 14.72
C ASN A 2 22.38 21.77 13.30
N LEU A 3 22.62 20.47 13.16
CA LEU A 3 22.72 19.86 11.84
C LEU A 3 21.35 19.35 11.38
N CYS A 4 21.01 19.62 10.12
CA CYS A 4 19.68 19.23 9.66
C CYS A 4 19.55 17.71 9.65
N PRO A 5 18.40 17.17 10.09
CA PRO A 5 18.24 15.72 10.27
C PRO A 5 17.80 14.98 9.00
N PHE A 6 18.60 15.11 7.94
CA PHE A 6 18.27 14.41 6.70
C PHE A 6 18.45 12.90 6.83
N GLY A 7 19.41 12.44 7.65
CA GLY A 7 19.60 10.99 7.79
C GLY A 7 18.38 10.29 8.32
N GLU A 8 17.64 10.94 9.22
CA GLU A 8 16.41 10.37 9.74
C GLU A 8 15.40 10.08 8.63
N VAL A 9 15.38 10.90 7.60
CA VAL A 9 14.44 10.72 6.48
C VAL A 9 14.95 9.65 5.51
N PHE A 10 16.16 9.85 4.98
CA PHE A 10 16.63 8.96 3.91
C PHE A 10 16.93 7.57 4.42
N ASN A 11 17.34 7.45 5.69
CA ASN A 11 17.75 6.16 6.20
C ASN A 11 16.74 5.56 7.16
N ALA A 12 15.50 6.07 7.14
CA ALA A 12 14.45 5.48 7.96
C ALA A 12 14.27 4.01 7.64
N THR A 13 14.08 3.20 8.69
N THR A 13 14.08 3.20 8.68
CA THR A 13 13.87 1.78 8.47
CA THR A 13 13.90 1.77 8.42
C THR A 13 12.59 1.52 7.70
C THR A 13 12.58 1.49 7.71
N ARG A 14 11.51 2.19 8.07
CA ARG A 14 10.21 2.03 7.44
C ARG A 14 9.83 3.32 6.74
N PHE A 15 9.14 3.18 5.61
CA PHE A 15 8.64 4.30 4.82
C PHE A 15 7.11 4.25 4.79
N ALA A 16 6.52 5.42 4.59
CA ALA A 16 5.06 5.52 4.51
C ALA A 16 4.49 4.98 3.21
N SER A 17 3.22 4.56 3.25
CA SER A 17 2.47 4.40 2.01
C SER A 17 2.27 5.76 1.34
N VAL A 18 2.20 5.77 0.00
CA VAL A 18 2.14 7.07 -0.68
C VAL A 18 0.85 7.84 -0.35
N TYR A 19 -0.27 7.16 -0.16
CA TYR A 19 -1.50 7.92 0.16
C TYR A 19 -1.37 8.62 1.50
N ALA A 20 -0.55 8.06 2.39
CA ALA A 20 -0.36 8.64 3.72
C ALA A 20 1.07 9.15 3.86
N TRP A 21 1.57 9.83 2.83
CA TRP A 21 2.98 10.20 2.78
C TRP A 21 3.43 10.97 4.01
N ASN A 22 4.66 10.69 4.46
CA ASN A 22 5.22 11.35 5.63
C ASN A 22 5.80 12.70 5.24
N ARG A 23 5.71 13.67 6.14
CA ARG A 23 6.37 14.97 5.95
C ARG A 23 7.21 15.27 7.18
N LYS A 24 8.45 15.64 6.94
CA LYS A 24 9.34 16.11 7.99
C LYS A 24 9.68 17.56 7.67
N ARG A 25 9.40 18.46 8.60
N ARG A 25 9.41 18.45 8.61
CA ARG A 25 9.78 19.85 8.44
CA ARG A 25 9.77 19.86 8.43
C ARG A 25 11.21 20.05 8.93
C ARG A 25 11.20 20.07 8.93
N ILE A 26 12.03 20.66 8.10
CA ILE A 26 13.42 20.97 8.41
C ILE A 26 13.53 22.47 8.54
N SER A 27 14.01 22.95 9.69
CA SER A 27 14.15 24.39 9.89
C SER A 27 15.36 24.65 10.78
N ASN A 28 15.92 25.85 10.65
CA ASN A 28 16.88 26.39 11.62
C ASN A 28 18.03 25.41 11.91
N CYS A 29 18.76 25.07 10.85
CA CYS A 29 19.82 24.08 10.96
C CYS A 29 20.77 24.25 9.79
N VAL A 30 21.93 23.64 9.91
CA VAL A 30 22.94 23.67 8.85
C VAL A 30 22.87 22.34 8.12
N ALA A 31 22.71 22.40 6.81
CA ALA A 31 22.49 21.22 5.99
C ALA A 31 23.73 20.97 5.13
N ASP A 32 24.28 19.76 5.22
CA ASP A 32 25.33 19.35 4.31
C ASP A 32 24.67 18.48 3.23
N TYR A 33 24.31 19.11 2.12
CA TYR A 33 23.64 18.39 1.04
C TYR A 33 24.60 17.50 0.28
N SER A 34 25.91 17.66 0.49
CA SER A 34 26.87 16.83 -0.22
C SER A 34 26.71 15.34 0.10
N VAL A 35 26.14 14.99 1.26
CA VAL A 35 25.90 13.56 1.50
C VAL A 35 24.87 13.02 0.52
N LEU A 36 24.05 13.88 -0.07
CA LEU A 36 23.11 13.50 -1.11
C LEU A 36 23.72 13.60 -2.51
N TYR A 37 24.23 14.76 -2.88
CA TYR A 37 24.65 14.91 -4.27
C TYR A 37 26.00 14.25 -4.57
N ASN A 38 26.73 13.77 -3.58
CA ASN A 38 27.88 12.94 -3.86
C ASN A 38 27.59 11.46 -3.69
N SER A 39 26.34 11.10 -3.42
CA SER A 39 26.01 9.70 -3.22
C SER A 39 25.77 9.01 -4.55
N ALA A 40 26.16 7.73 -4.63
CA ALA A 40 25.88 6.92 -5.81
C ALA A 40 24.73 5.96 -5.58
N SER A 41 23.77 6.30 -4.72
CA SER A 41 22.77 5.34 -4.31
C SER A 41 21.41 5.58 -4.95
N PHE A 42 21.24 6.62 -5.74
CA PHE A 42 19.92 7.03 -6.20
C PHE A 42 19.66 6.67 -7.66
N SER A 43 18.42 6.23 -7.94
N SER A 43 18.43 6.28 -7.95
CA SER A 43 17.95 6.02 -9.31
CA SER A 43 18.01 6.03 -9.32
C SER A 43 17.48 7.31 -9.98
C SER A 43 17.47 7.30 -9.99
N THR A 44 16.88 8.20 -9.22
CA THR A 44 16.40 9.49 -9.71
C THR A 44 16.90 10.56 -8.77
N PHE A 45 17.45 11.65 -9.33
CA PHE A 45 17.81 12.83 -8.53
C PHE A 45 17.56 14.00 -9.48
N LYS A 46 16.33 14.52 -9.45
CA LYS A 46 15.89 15.49 -10.46
C LYS A 46 15.43 16.72 -9.72
N CYS A 47 15.98 17.88 -10.08
CA CYS A 47 15.63 19.09 -9.31
C CYS A 47 14.93 20.09 -10.21
N TYR A 48 14.20 20.97 -9.54
CA TYR A 48 13.36 21.98 -10.18
C TYR A 48 13.69 23.30 -9.53
N GLY A 49 14.19 24.25 -10.33
CA GLY A 49 14.44 25.54 -9.73
C GLY A 49 15.72 25.63 -8.90
N VAL A 50 16.51 24.56 -8.84
N VAL A 50 16.48 24.54 -8.77
CA VAL A 50 17.77 24.61 -8.10
CA VAL A 50 17.77 24.56 -8.07
C VAL A 50 18.73 23.60 -8.70
C VAL A 50 18.72 23.59 -8.73
N SER A 51 20.02 23.90 -8.62
CA SER A 51 21.06 22.99 -9.08
C SER A 51 21.57 22.22 -7.86
N PRO A 52 21.47 20.90 -7.82
CA PRO A 52 21.76 20.20 -6.56
C PRO A 52 23.18 20.42 -6.07
N THR A 53 24.15 20.53 -6.98
CA THR A 53 25.53 20.78 -6.54
C THR A 53 25.73 22.17 -5.96
N LYS A 54 24.75 23.07 -6.10
CA LYS A 54 24.88 24.39 -5.51
C LYS A 54 24.18 24.46 -4.15
N LEU A 55 23.61 23.34 -3.69
CA LEU A 55 22.72 23.40 -2.54
C LEU A 55 23.45 23.85 -1.28
N ASN A 56 24.73 23.48 -1.12
CA ASN A 56 25.46 23.89 0.07
C ASN A 56 25.75 25.38 0.08
N ASP A 57 25.42 26.12 -0.97
CA ASP A 57 25.64 27.56 -1.00
C ASP A 57 24.35 28.36 -0.82
N LEU A 58 23.23 27.70 -0.58
CA LEU A 58 21.92 28.35 -0.57
C LEU A 58 21.31 28.31 0.83
N CYS A 59 20.43 29.27 1.07
CA CYS A 59 19.68 29.34 2.32
C CYS A 59 18.19 29.40 1.96
N PHE A 60 17.37 28.72 2.77
CA PHE A 60 15.94 28.70 2.59
C PHE A 60 15.25 28.93 3.92
N THR A 61 13.96 29.32 3.86
CA THR A 61 13.20 29.53 5.09
C THR A 61 12.83 28.22 5.74
N ASN A 62 12.34 27.27 4.96
CA ASN A 62 12.00 25.94 5.44
C ASN A 62 12.35 24.96 4.34
N VAL A 63 12.68 23.74 4.75
CA VAL A 63 12.82 22.65 3.82
C VAL A 63 11.87 21.57 4.30
N TYR A 64 11.12 20.98 3.39
CA TYR A 64 10.23 19.89 3.75
C TYR A 64 10.76 18.64 3.07
N ALA A 65 10.77 17.54 3.81
CA ALA A 65 11.19 16.25 3.25
C ALA A 65 9.96 15.32 3.29
N ASP A 66 9.37 15.06 2.13
CA ASP A 66 8.24 14.15 2.03
C ASP A 66 8.72 12.79 1.56
N SER A 67 8.21 11.72 2.14
CA SER A 67 8.74 10.40 1.77
C SER A 67 7.65 9.33 1.77
N PHE A 68 7.80 8.36 0.87
CA PHE A 68 6.79 7.32 0.60
C PHE A 68 7.38 6.31 -0.36
N VAL A 69 6.61 5.25 -0.60
CA VAL A 69 6.97 4.20 -1.56
C VAL A 69 5.92 4.14 -2.65
N ILE A 70 6.37 4.05 -3.92
CA ILE A 70 5.52 3.79 -5.09
C ILE A 70 6.24 2.76 -5.95
N ARG A 71 5.64 2.39 -7.09
CA ARG A 71 6.39 1.44 -7.91
C ARG A 71 7.24 2.23 -8.90
N GLY A 72 8.26 1.56 -9.42
CA GLY A 72 9.25 2.24 -10.25
C GLY A 72 8.65 3.01 -11.42
N ASP A 73 7.69 2.39 -12.13
N ASP A 73 7.61 2.42 -12.03
CA ASP A 73 7.09 3.12 -13.25
CA ASP A 73 6.98 3.02 -13.20
C ASP A 73 6.13 4.24 -12.85
C ASP A 73 6.23 4.29 -12.85
N GLU A 74 5.97 4.54 -11.57
CA GLU A 74 5.23 5.70 -11.11
C GLU A 74 6.12 6.87 -10.70
N VAL A 75 7.44 6.68 -10.60
CA VAL A 75 8.29 7.78 -10.17
C VAL A 75 8.14 8.98 -11.10
N ARG A 76 7.90 8.72 -12.40
CA ARG A 76 7.74 9.81 -13.36
C ARG A 76 6.54 10.70 -13.04
N GLN A 77 5.56 10.22 -12.22
CA GLN A 77 4.43 11.06 -11.83
C GLN A 77 4.75 12.05 -10.71
N ILE A 78 5.89 11.87 -10.04
CA ILE A 78 6.33 12.80 -8.98
C ILE A 78 7.10 13.92 -9.67
N ALA A 79 6.39 14.76 -10.39
CA ALA A 79 6.96 15.89 -11.10
C ALA A 79 5.86 16.89 -11.33
N PRO A 80 6.19 18.18 -11.47
CA PRO A 80 5.17 19.18 -11.82
C PRO A 80 4.48 18.80 -13.12
N GLY A 81 3.17 19.03 -13.19
CA GLY A 81 2.44 18.92 -14.44
C GLY A 81 2.02 17.51 -14.79
N GLN A 82 2.18 16.55 -13.90
CA GLN A 82 1.87 15.15 -14.21
C GLN A 82 0.42 14.82 -13.89
N THR A 83 -0.12 13.80 -14.60
CA THR A 83 -1.44 13.26 -14.28
C THR A 83 -1.28 11.78 -14.09
N GLY A 84 -2.30 11.16 -13.50
CA GLY A 84 -2.29 9.74 -13.21
C GLY A 84 -2.67 9.52 -11.77
N LYS A 85 -2.81 8.24 -11.42
CA LYS A 85 -3.39 7.89 -10.14
C LYS A 85 -2.56 8.45 -8.99
N ILE A 86 -1.24 8.40 -9.12
CA ILE A 86 -0.40 8.89 -8.03
C ILE A 86 -0.44 10.42 -7.98
N ALA A 87 -0.15 11.07 -9.11
CA ALA A 87 -0.17 12.54 -9.15
C ALA A 87 -1.53 13.09 -8.79
N ASP A 88 -2.61 12.45 -9.26
CA ASP A 88 -3.95 13.01 -9.08
C ASP A 88 -4.51 12.70 -7.69
N TYR A 89 -4.32 11.49 -7.19
CA TYR A 89 -5.03 11.06 -5.99
C TYR A 89 -4.15 10.84 -4.77
N ASN A 90 -2.82 10.86 -4.90
CA ASN A 90 -1.96 10.48 -3.78
C ASN A 90 -0.96 11.55 -3.36
N TYR A 91 -0.15 12.05 -4.29
CA TYR A 91 0.86 13.05 -3.98
C TYR A 91 1.03 13.96 -5.19
N LYS A 92 0.79 15.26 -5.01
CA LYS A 92 0.71 16.22 -6.12
C LYS A 92 1.75 17.32 -5.95
N LEU A 93 2.56 17.54 -6.95
CA LEU A 93 3.50 18.66 -6.88
C LEU A 93 2.91 19.87 -7.61
N PRO A 94 3.24 21.10 -7.19
CA PRO A 94 2.73 22.29 -7.87
C PRO A 94 3.49 22.57 -9.16
N ASP A 95 2.86 23.36 -10.04
CA ASP A 95 3.57 23.77 -11.26
C ASP A 95 4.83 24.55 -10.95
N ASP A 96 4.81 25.40 -9.92
CA ASP A 96 5.95 26.22 -9.57
C ASP A 96 6.80 25.56 -8.48
N PHE A 97 7.04 24.27 -8.60
CA PHE A 97 7.82 23.55 -7.61
C PHE A 97 9.29 24.00 -7.59
N THR A 98 9.82 24.27 -6.40
CA THR A 98 11.27 24.43 -6.18
C THR A 98 11.71 23.33 -5.23
N GLY A 99 12.49 22.38 -5.73
CA GLY A 99 12.84 21.24 -4.89
C GLY A 99 13.50 20.14 -5.71
N CYS A 100 13.71 19.01 -5.04
CA CYS A 100 14.36 17.88 -5.70
C CYS A 100 13.57 16.63 -5.40
N VAL A 101 13.50 15.74 -6.39
CA VAL A 101 12.81 14.46 -6.25
C VAL A 101 13.88 13.38 -6.35
N ILE A 102 14.01 12.58 -5.30
CA ILE A 102 15.09 11.60 -5.18
C ILE A 102 14.44 10.25 -4.96
N ALA A 103 14.85 9.25 -5.73
CA ALA A 103 14.23 7.92 -5.56
C ALA A 103 15.31 6.86 -5.70
N TRP A 104 15.04 5.69 -5.14
CA TRP A 104 15.97 4.58 -5.30
C TRP A 104 15.18 3.29 -5.21
N ASN A 105 15.66 2.29 -5.93
CA ASN A 105 15.04 0.97 -5.95
C ASN A 105 15.16 0.35 -4.57
N SER A 106 14.01 -0.07 -3.98
CA SER A 106 14.04 -0.66 -2.64
C SER A 106 13.53 -2.10 -2.65
N ASN A 107 13.74 -2.80 -3.76
CA ASN A 107 13.25 -4.18 -3.89
C ASN A 107 13.77 -5.05 -2.74
N ASN A 108 15.03 -4.85 -2.33
CA ASN A 108 15.62 -5.70 -1.29
C ASN A 108 15.04 -5.44 0.09
N LEU A 109 14.39 -4.30 0.31
CA LEU A 109 13.84 -3.92 1.61
C LEU A 109 12.32 -4.05 1.69
N ASP A 110 11.60 -3.70 0.62
CA ASP A 110 10.17 -3.52 0.63
C ASP A 110 9.38 -4.59 -0.09
N SER A 111 10.04 -5.49 -0.78
N SER A 111 10.01 -5.47 -0.82
CA SER A 111 9.37 -6.61 -1.43
CA SER A 111 9.28 -6.59 -1.38
C SER A 111 9.43 -7.80 -0.47
C SER A 111 9.42 -7.79 -0.46
N LYS A 112 8.50 -8.73 -0.63
CA LYS A 112 8.46 -9.96 0.19
C LYS A 112 8.04 -11.11 -0.69
N VAL A 113 8.58 -12.31 -0.43
N VAL A 113 8.68 -12.28 -0.52
CA VAL A 113 8.40 -13.44 -1.34
CA VAL A 113 8.21 -13.46 -1.21
C VAL A 113 6.94 -13.88 -1.51
C VAL A 113 6.76 -13.67 -0.85
N GLY A 114 6.04 -13.51 -0.60
N GLY A 114 5.92 -13.85 -1.87
CA GLY A 114 4.64 -13.82 -0.80
CA GLY A 114 4.51 -13.91 -1.65
C GLY A 114 3.85 -12.59 -1.21
C GLY A 114 3.81 -12.57 -1.61
N GLY A 115 4.56 -11.47 -1.36
CA GLY A 115 3.89 -10.16 -1.47
C GLY A 115 4.02 -9.40 -0.16
N ASN A 116 4.41 -8.12 -0.25
CA ASN A 116 4.33 -7.19 0.86
C ASN A 116 3.08 -6.34 0.65
N TYR A 117 2.06 -6.56 1.47
CA TYR A 117 0.78 -5.88 1.25
C TYR A 117 0.67 -4.60 2.07
N ASN A 118 1.73 -4.22 2.81
CA ASN A 118 1.60 -3.08 3.70
C ASN A 118 1.53 -1.76 2.95
N TYR A 119 2.13 -1.68 1.76
CA TYR A 119 2.12 -0.41 1.03
C TYR A 119 0.86 -0.29 0.19
N LEU A 120 0.15 0.82 0.36
CA LEU A 120 -1.14 1.06 -0.29
C LEU A 120 -1.09 2.32 -1.16
N TYR A 121 -2.04 2.45 -2.08
CA TYR A 121 -2.24 3.70 -2.81
C TYR A 121 -3.75 3.93 -2.93
N ARG A 122 -4.13 5.19 -3.13
CA ARG A 122 -5.53 5.53 -3.38
C ARG A 122 -5.79 5.44 -4.86
N LEU A 123 -6.89 4.77 -5.20
CA LEU A 123 -7.32 4.52 -6.57
C LEU A 123 -8.55 5.33 -6.98
N PHE A 124 -9.38 5.72 -6.01
CA PHE A 124 -10.61 6.44 -6.28
C PHE A 124 -10.66 7.71 -5.44
N ARG A 125 -11.16 8.80 -6.04
CA ARG A 125 -11.32 10.07 -5.33
C ARG A 125 -12.27 10.95 -6.12
N LYS A 126 -13.05 11.75 -5.39
CA LYS A 126 -14.04 12.60 -6.04
C LYS A 126 -13.40 13.78 -6.77
N SER A 127 -12.18 14.14 -6.42
CA SER A 127 -11.53 15.25 -7.10
C SER A 127 -10.02 15.06 -6.96
N ASN A 128 -9.26 15.79 -7.76
CA ASN A 128 -7.81 15.69 -7.68
C ASN A 128 -7.30 16.43 -6.44
N LEU A 129 -6.17 15.95 -5.91
CA LEU A 129 -5.49 16.62 -4.82
C LEU A 129 -5.01 18.00 -5.28
N LYS A 130 -5.05 18.97 -4.38
CA LYS A 130 -4.28 20.19 -4.55
C LYS A 130 -2.82 19.87 -4.29
N PRO A 131 -1.90 20.68 -4.80
CA PRO A 131 -0.47 20.44 -4.52
C PRO A 131 -0.20 20.35 -3.03
N PHE A 132 0.56 19.32 -2.63
CA PHE A 132 0.95 19.02 -1.26
C PHE A 132 -0.23 18.72 -0.36
N GLU A 133 -1.40 18.42 -0.92
CA GLU A 133 -2.51 17.93 -0.10
C GLU A 133 -2.30 16.46 0.25
N ARG A 134 -2.72 16.08 1.45
N ARG A 134 -2.68 16.09 1.47
CA ARG A 134 -2.66 14.70 1.91
CA ARG A 134 -2.68 14.70 1.90
C ARG A 134 -4.08 14.26 2.28
C ARG A 134 -4.10 14.28 2.25
N ASP A 135 -4.51 13.15 1.71
CA ASP A 135 -5.78 12.49 2.03
C ASP A 135 -5.53 11.13 2.63
N ILE A 136 -5.81 10.98 3.93
CA ILE A 136 -5.67 9.67 4.55
C ILE A 136 -7.04 9.08 4.89
N SER A 137 -8.12 9.65 4.37
CA SER A 137 -9.44 9.13 4.71
C SER A 137 -9.63 7.74 4.09
N THR A 138 -10.50 6.95 4.70
CA THR A 138 -10.77 5.61 4.18
C THR A 138 -12.27 5.43 4.06
N GLU A 139 -12.92 6.46 3.55
CA GLU A 139 -14.37 6.40 3.34
C GLU A 139 -14.67 5.60 2.09
N ILE A 140 -15.73 4.79 2.15
CA ILE A 140 -16.18 4.07 0.96
C ILE A 140 -16.57 5.05 -0.12
N TYR A 141 -16.01 4.84 -1.32
CA TYR A 141 -16.19 5.73 -2.47
C TYR A 141 -17.49 5.45 -3.22
N GLN A 142 -18.32 6.48 -3.38
CA GLN A 142 -19.62 6.34 -4.05
C GLN A 142 -19.43 6.51 -5.56
N ALA A 143 -19.46 5.39 -6.29
CA ALA A 143 -19.33 5.43 -7.73
C ALA A 143 -20.65 5.59 -8.46
N GLY A 144 -21.78 5.41 -7.78
CA GLY A 144 -23.08 5.53 -8.41
C GLY A 144 -23.96 6.56 -7.74
N SER A 145 -25.26 6.47 -7.99
CA SER A 145 -26.21 7.46 -7.47
C SER A 145 -26.72 7.13 -6.08
N THR A 146 -26.49 5.91 -5.59
CA THR A 146 -26.94 5.44 -4.27
C THR A 146 -25.88 5.71 -3.21
N PRO A 147 -26.23 6.36 -2.10
CA PRO A 147 -25.25 6.58 -1.03
C PRO A 147 -24.75 5.24 -0.50
N CYS A 148 -23.46 5.21 -0.11
CA CYS A 148 -22.84 3.96 0.35
C CYS A 148 -23.04 3.69 1.85
N ASN A 149 -23.25 4.71 2.67
CA ASN A 149 -23.37 4.57 4.11
C ASN A 149 -22.15 3.88 4.72
N GLY A 150 -21.00 4.02 4.09
CA GLY A 150 -19.79 3.34 4.56
C GLY A 150 -19.79 1.83 4.41
N VAL A 151 -20.66 1.28 3.58
CA VAL A 151 -20.72 -0.16 3.33
C VAL A 151 -20.25 -0.43 1.90
N GLU A 152 -19.20 -1.23 1.78
CA GLU A 152 -18.67 -1.61 0.48
C GLU A 152 -19.63 -2.56 -0.24
N GLY A 153 -19.71 -2.44 -1.56
CA GLY A 153 -20.64 -3.28 -2.33
C GLY A 153 -20.84 -2.71 -3.73
N PHE A 154 -22.01 -2.97 -4.27
CA PHE A 154 -22.35 -2.50 -5.60
C PHE A 154 -22.14 -0.99 -5.73
N ASN A 155 -21.25 -0.58 -6.66
CA ASN A 155 -20.95 0.84 -6.91
C ASN A 155 -20.42 1.59 -5.69
N CYS A 156 -19.82 0.88 -4.73
CA CYS A 156 -19.37 1.47 -3.49
C CYS A 156 -18.03 0.80 -3.17
N TYR A 157 -16.91 1.51 -3.42
CA TYR A 157 -15.59 0.88 -3.42
C TYR A 157 -14.70 1.35 -2.29
N PHE A 158 -13.97 0.41 -1.67
CA PHE A 158 -12.89 0.83 -0.79
C PHE A 158 -11.87 1.58 -1.62
N PRO A 159 -11.42 2.76 -1.18
CA PRO A 159 -10.67 3.64 -2.09
C PRO A 159 -9.18 3.35 -2.20
N LEU A 160 -8.62 2.44 -1.39
CA LEU A 160 -7.21 2.11 -1.43
C LEU A 160 -7.03 0.68 -1.93
N GLN A 161 -5.89 0.43 -2.60
CA GLN A 161 -5.51 -0.91 -3.01
C GLN A 161 -4.07 -1.13 -2.57
N SER A 162 -3.67 -2.39 -2.50
N SER A 162 -3.65 -2.39 -2.55
CA SER A 162 -2.30 -2.71 -2.11
CA SER A 162 -2.29 -2.71 -2.12
C SER A 162 -1.41 -2.97 -3.31
C SER A 162 -1.40 -3.02 -3.30
N TYR A 163 -0.12 -2.61 -3.18
CA TYR A 163 0.86 -2.93 -4.21
C TYR A 163 1.27 -4.40 -4.21
N GLY A 164 1.31 -5.05 -3.04
CA GLY A 164 1.72 -6.48 -2.99
C GLY A 164 3.09 -6.81 -3.58
N PHE A 165 4.08 -5.97 -3.33
CA PHE A 165 5.40 -6.09 -3.97
C PHE A 165 6.01 -7.47 -3.72
N GLN A 166 6.48 -8.10 -4.78
CA GLN A 166 7.23 -9.35 -4.72
C GLN A 166 8.60 -9.15 -5.37
N PRO A 167 9.65 -9.79 -4.86
CA PRO A 167 10.99 -9.48 -5.38
C PRO A 167 11.20 -9.92 -6.81
N THR A 168 10.35 -10.80 -7.34
CA THR A 168 10.54 -11.30 -8.69
C THR A 168 9.80 -10.45 -9.71
N TYR A 169 9.04 -9.46 -9.27
CA TYR A 169 8.40 -8.56 -10.22
C TYR A 169 9.44 -7.86 -11.08
N GLY A 170 9.04 -7.47 -12.29
CA GLY A 170 9.89 -6.66 -13.12
C GLY A 170 10.13 -5.28 -12.51
N VAL A 171 11.16 -4.59 -13.01
CA VAL A 171 11.67 -3.41 -12.29
C VAL A 171 10.62 -2.31 -12.23
N GLY A 172 9.79 -2.15 -13.27
CA GLY A 172 8.76 -1.13 -13.21
C GLY A 172 7.70 -1.37 -12.15
N TYR A 173 7.56 -2.61 -11.69
CA TYR A 173 6.60 -2.98 -10.66
C TYR A 173 7.25 -3.07 -9.29
N GLN A 174 8.57 -2.92 -9.21
CA GLN A 174 9.28 -3.02 -7.94
C GLN A 174 9.07 -1.73 -7.12
N PRO A 175 9.21 -1.82 -5.79
CA PRO A 175 9.04 -0.64 -4.94
C PRO A 175 10.26 0.28 -5.05
N TYR A 176 9.97 1.56 -5.05
CA TYR A 176 10.99 2.60 -4.99
C TYR A 176 10.67 3.49 -3.80
N ARG A 177 11.68 3.76 -2.99
CA ARG A 177 11.54 4.79 -1.95
C ARG A 177 11.81 6.14 -2.56
N VAL A 178 11.00 7.13 -2.19
CA VAL A 178 11.06 8.48 -2.77
C VAL A 178 11.16 9.46 -1.62
N VAL A 179 12.07 10.44 -1.76
CA VAL A 179 12.08 11.59 -0.87
C VAL A 179 11.96 12.82 -1.75
N VAL A 180 10.96 13.64 -1.46
CA VAL A 180 10.79 14.93 -2.15
C VAL A 180 11.27 16.02 -1.22
N LEU A 181 12.27 16.78 -1.62
CA LEU A 181 12.74 17.92 -0.83
C LEU A 181 12.16 19.20 -1.44
N SER A 182 11.39 19.93 -0.65
CA SER A 182 10.86 21.22 -1.07
C SER A 182 11.70 22.32 -0.44
N PHE A 183 12.21 23.23 -1.26
CA PHE A 183 13.06 24.32 -0.75
C PHE A 183 12.24 25.61 -0.80
N GLU A 184 11.77 26.03 0.37
CA GLU A 184 10.80 27.11 0.47
C GLU A 184 11.50 28.39 0.94
N LEU A 185 11.53 29.40 0.09
CA LEU A 185 12.02 30.72 0.48
C LEU A 185 10.83 31.66 0.58
N LEU A 186 10.49 32.05 1.81
CA LEU A 186 9.42 33.01 2.03
C LEU A 186 10.02 34.41 2.14
N HIS A 187 9.15 35.42 2.24
CA HIS A 187 9.57 36.78 2.55
C HIS A 187 9.74 36.86 4.07
N ALA A 188 10.84 36.28 4.53
CA ALA A 188 11.07 35.93 5.93
C ALA A 188 12.54 35.52 6.04
N PRO A 189 13.06 35.36 7.25
CA PRO A 189 14.46 34.90 7.38
C PRO A 189 14.62 33.48 6.84
N ALA A 190 15.80 33.22 6.27
CA ALA A 190 16.15 31.89 5.77
C ALA A 190 17.06 31.20 6.79
N THR A 191 16.54 30.18 7.47
CA THR A 191 17.30 29.56 8.56
C THR A 191 17.84 28.17 8.24
N VAL A 192 17.52 27.61 7.08
CA VAL A 192 18.12 26.36 6.63
C VAL A 192 19.18 26.69 5.61
N CYS A 193 20.44 26.52 6.01
CA CYS A 193 21.56 27.02 5.22
C CYS A 193 22.58 25.90 4.96
N GLY A 194 23.33 26.06 3.88
CA GLY A 194 24.51 25.24 3.67
C GLY A 194 25.61 25.62 4.64
N PRO A 195 26.68 24.84 4.68
CA PRO A 195 27.75 25.11 5.65
C PRO A 195 28.55 26.36 5.34
N LYS A 196 29.04 27.01 6.39
CA LYS A 196 29.92 28.18 6.27
C LYS A 196 31.19 28.06 7.11
N GLN B 1 -5.51 0.78 13.81
CA GLN B 1 -4.92 -0.03 12.75
C GLN B 1 -5.84 -1.21 12.42
N VAL B 2 -6.29 -1.30 11.16
CA VAL B 2 -7.17 -2.40 10.76
C VAL B 2 -6.33 -3.64 10.51
N GLN B 3 -6.65 -4.72 11.18
CA GLN B 3 -5.95 -5.99 11.05
C GLN B 3 -6.98 -7.10 10.89
N LEU B 4 -6.60 -8.17 10.17
CA LEU B 4 -7.47 -9.34 9.97
C LEU B 4 -6.83 -10.52 10.65
N GLN B 5 -7.65 -11.39 11.24
CA GLN B 5 -7.18 -12.58 11.94
C GLN B 5 -8.02 -13.77 11.52
N GLU B 6 -7.38 -14.77 10.89
CA GLU B 6 -8.04 -16.02 10.51
C GLU B 6 -8.02 -17.01 11.65
N SER B 7 -9.00 -17.91 11.65
CA SER B 7 -8.97 -19.05 12.56
C SER B 7 -9.65 -20.25 11.89
N GLY B 8 -9.43 -21.43 12.46
CA GLY B 8 -10.13 -22.65 12.07
C GLY B 8 -9.30 -23.65 11.25
N GLY B 9 -8.05 -23.33 10.92
CA GLY B 9 -7.23 -24.25 10.17
C GLY B 9 -6.75 -25.44 11.00
N GLY B 10 -5.97 -26.30 10.35
CA GLY B 10 -5.34 -27.43 11.02
C GLY B 10 -5.34 -28.64 10.13
N LEU B 11 -5.10 -29.80 10.75
CA LEU B 11 -4.98 -31.08 10.05
C LEU B 11 -6.38 -31.68 9.93
N VAL B 12 -6.80 -31.98 8.70
CA VAL B 12 -8.13 -32.51 8.43
C VAL B 12 -8.05 -33.69 7.46
N GLN B 13 -9.00 -34.60 7.56
CA GLN B 13 -9.00 -35.78 6.70
C GLN B 13 -9.75 -35.47 5.41
N ALA B 14 -9.28 -36.07 4.31
CA ALA B 14 -9.90 -35.89 3.01
C ALA B 14 -11.34 -36.36 3.10
N GLY B 15 -12.22 -35.67 2.36
CA GLY B 15 -13.66 -35.85 2.44
C GLY B 15 -14.33 -34.95 3.44
N GLY B 16 -13.60 -34.45 4.43
CA GLY B 16 -14.22 -33.75 5.53
C GLY B 16 -14.69 -32.37 5.12
N SER B 17 -15.51 -31.78 5.99
CA SER B 17 -15.92 -30.38 5.87
C SER B 17 -15.19 -29.56 6.93
N LEU B 18 -14.94 -28.29 6.62
CA LEU B 18 -14.16 -27.45 7.52
C LEU B 18 -14.71 -26.03 7.39
N ARG B 19 -14.81 -25.32 8.50
CA ARG B 19 -15.15 -23.88 8.44
C ARG B 19 -14.00 -23.03 8.93
N LEU B 20 -13.64 -22.02 8.15
CA LEU B 20 -12.63 -21.06 8.55
C LEU B 20 -13.35 -19.76 8.85
N SER B 21 -12.78 -18.96 9.73
N SER B 21 -12.77 -18.95 9.71
CA SER B 21 -13.34 -17.67 10.09
CA SER B 21 -13.35 -17.66 10.09
C SER B 21 -12.27 -16.60 10.04
C SER B 21 -12.27 -16.59 10.03
N CYS B 22 -12.72 -15.36 9.82
CA CYS B 22 -11.86 -14.19 9.82
C CYS B 22 -12.59 -13.05 10.50
N ALA B 23 -11.89 -12.32 11.37
CA ALA B 23 -12.45 -11.15 12.04
C ALA B 23 -11.51 -9.96 11.88
N ALA B 24 -12.07 -8.82 11.52
CA ALA B 24 -11.30 -7.57 11.52
C ALA B 24 -11.22 -7.01 12.94
N SER B 25 -10.11 -6.34 13.22
CA SER B 25 -9.95 -5.64 14.48
C SER B 25 -9.43 -4.24 14.15
N GLY B 26 -9.54 -3.34 15.10
CA GLY B 26 -9.13 -1.97 14.83
C GLY B 26 -10.34 -1.05 14.67
N ARG B 27 -10.08 0.24 14.85
CA ARG B 27 -11.16 1.22 14.75
C ARG B 27 -11.46 1.45 13.27
N THR B 28 -12.73 1.28 12.90
CA THR B 28 -13.18 1.55 11.55
C THR B 28 -14.66 1.93 11.58
N SER B 29 -15.06 2.78 10.64
CA SER B 29 -16.46 3.09 10.45
C SER B 29 -16.99 2.48 9.14
N SER B 30 -16.23 1.58 8.52
CA SER B 30 -16.60 0.96 7.26
C SER B 30 -17.05 -0.48 7.49
N VAL B 31 -17.87 -0.99 6.58
CA VAL B 31 -18.16 -2.42 6.46
C VAL B 31 -17.57 -2.86 5.13
N TYR B 32 -16.60 -3.78 5.17
CA TYR B 32 -15.80 -4.12 3.99
C TYR B 32 -16.36 -5.31 3.24
N ASN B 33 -16.13 -5.31 1.92
CA ASN B 33 -16.13 -6.58 1.19
C ASN B 33 -15.01 -7.43 1.74
N MET B 34 -15.24 -8.74 1.92
CA MET B 34 -14.21 -9.61 2.46
C MET B 34 -14.02 -10.82 1.57
N ALA B 35 -12.78 -11.34 1.52
CA ALA B 35 -12.41 -12.37 0.56
C ALA B 35 -11.46 -13.39 1.19
N TRP B 36 -11.35 -14.55 0.55
CA TRP B 36 -10.41 -15.58 0.93
C TRP B 36 -9.55 -15.90 -0.27
N PHE B 37 -8.25 -16.04 -0.02
CA PHE B 37 -7.28 -16.45 -1.01
C PHE B 37 -6.57 -17.65 -0.42
N ARG B 38 -5.86 -18.43 -1.23
CA ARG B 38 -5.07 -19.51 -0.65
C ARG B 38 -3.75 -19.64 -1.39
N GLN B 39 -2.75 -20.17 -0.68
CA GLN B 39 -1.41 -20.28 -1.26
C GLN B 39 -0.77 -21.60 -0.88
N THR B 40 -0.37 -22.35 -1.87
CA THR B 40 0.43 -23.56 -1.72
C THR B 40 1.92 -23.24 -1.80
N PRO B 41 2.80 -23.94 -1.08
CA PRO B 41 4.23 -23.61 -1.16
C PRO B 41 4.74 -23.67 -2.60
N GLY B 42 5.51 -22.67 -2.96
CA GLY B 42 6.07 -22.59 -4.29
C GLY B 42 5.14 -22.00 -5.31
N LYS B 43 3.87 -21.76 -4.98
CA LYS B 43 2.90 -21.23 -5.94
C LYS B 43 2.39 -19.87 -5.54
N GLU B 44 1.77 -19.20 -6.50
CA GLU B 44 1.23 -17.88 -6.26
C GLU B 44 -0.08 -18.04 -5.50
N ARG B 45 -0.42 -17.03 -4.70
CA ARG B 45 -1.69 -17.11 -3.98
C ARG B 45 -2.84 -16.83 -4.94
N GLU B 46 -3.97 -17.51 -4.73
CA GLU B 46 -5.04 -17.59 -5.71
C GLU B 46 -6.34 -17.25 -5.00
N PHE B 47 -7.21 -16.53 -5.72
CA PHE B 47 -8.54 -16.20 -5.22
C PHE B 47 -9.38 -17.44 -4.97
N VAL B 48 -10.15 -17.44 -3.88
CA VAL B 48 -11.07 -18.55 -3.61
C VAL B 48 -12.51 -18.03 -3.64
N ALA B 49 -12.81 -17.01 -2.83
CA ALA B 49 -14.20 -16.53 -2.73
C ALA B 49 -14.23 -15.11 -2.13
N ALA B 50 -15.32 -14.38 -2.40
CA ALA B 50 -15.48 -13.04 -1.85
C ALA B 50 -16.96 -12.77 -1.63
N ILE B 51 -17.26 -11.86 -0.69
CA ILE B 51 -18.65 -11.49 -0.36
C ILE B 51 -18.71 -10.00 -0.05
N THR B 52 -19.79 -9.35 -0.48
CA THR B 52 -19.88 -7.91 -0.34
C THR B 52 -20.22 -7.55 1.10
N GLY B 53 -20.06 -6.27 1.41
CA GLY B 53 -20.30 -5.76 2.75
C GLY B 53 -21.64 -6.18 3.35
N ASN B 54 -22.71 -6.15 2.56
CA ASN B 54 -24.01 -6.49 3.10
C ASN B 54 -24.35 -7.98 2.95
N GLY B 55 -23.41 -8.80 2.47
CA GLY B 55 -23.63 -10.23 2.32
C GLY B 55 -24.47 -10.63 1.12
N GLY B 56 -24.91 -9.67 0.29
CA GLY B 56 -25.85 -9.97 -0.78
C GLY B 56 -25.27 -10.49 -2.08
N THR B 57 -23.97 -10.30 -2.32
CA THR B 57 -23.33 -10.75 -3.56
C THR B 57 -22.07 -11.54 -3.24
N THR B 58 -21.91 -12.69 -3.89
CA THR B 58 -20.73 -13.52 -3.68
C THR B 58 -20.05 -13.75 -5.01
N LEU B 59 -18.76 -14.05 -4.94
CA LEU B 59 -17.93 -14.33 -6.10
C LEU B 59 -17.06 -15.52 -5.76
N TYR B 60 -17.06 -16.56 -6.60
CA TYR B 60 -16.33 -17.78 -6.35
C TYR B 60 -15.37 -18.07 -7.48
N ALA B 61 -14.20 -18.61 -7.16
CA ALA B 61 -13.34 -19.18 -8.20
C ALA B 61 -14.08 -20.33 -8.89
N ASP B 62 -13.98 -20.40 -10.22
CA ASP B 62 -14.71 -21.45 -10.94
C ASP B 62 -14.39 -22.83 -10.39
N SER B 63 -13.15 -23.07 -9.97
CA SER B 63 -12.77 -24.40 -9.49
C SER B 63 -13.49 -24.83 -8.22
N VAL B 64 -14.04 -23.90 -7.43
CA VAL B 64 -14.60 -24.27 -6.12
C VAL B 64 -16.10 -24.15 -6.10
N LYS B 65 -16.72 -23.68 -7.18
CA LYS B 65 -18.16 -23.47 -7.19
C LYS B 65 -18.89 -24.78 -6.90
N GLY B 66 -19.84 -24.72 -5.98
CA GLY B 66 -20.61 -25.87 -5.60
C GLY B 66 -20.03 -26.65 -4.44
N ARG B 67 -18.79 -26.39 -4.06
CA ARG B 67 -18.16 -27.13 -2.97
C ARG B 67 -17.87 -26.24 -1.77
N LEU B 68 -17.80 -24.94 -1.95
CA LEU B 68 -17.40 -24.00 -0.92
C LEU B 68 -18.50 -22.96 -0.78
N THR B 69 -18.74 -22.48 0.44
CA THR B 69 -19.69 -21.39 0.64
C THR B 69 -19.06 -20.31 1.50
N ILE B 70 -19.18 -19.05 1.08
CA ILE B 70 -18.72 -17.90 1.86
C ILE B 70 -19.94 -17.18 2.42
N SER B 71 -19.83 -16.70 3.66
CA SER B 71 -20.93 -16.01 4.33
C SER B 71 -20.38 -14.98 5.31
N ARG B 72 -21.18 -13.97 5.64
CA ARG B 72 -20.74 -13.02 6.68
C ARG B 72 -20.94 -13.69 8.03
N GLY B 73 -20.06 -13.37 9.00
CA GLY B 73 -20.25 -13.83 10.36
C GLY B 73 -21.17 -12.93 11.17
N ASN B 74 -21.04 -13.03 12.50
CA ASN B 74 -21.97 -12.36 13.40
C ASN B 74 -21.64 -10.89 13.62
N ALA B 75 -20.36 -10.51 13.60
CA ALA B 75 -19.95 -9.12 13.74
C ALA B 75 -19.71 -8.50 12.37
N LYS B 76 -19.67 -7.15 12.33
CA LYS B 76 -19.74 -6.35 11.12
C LYS B 76 -18.82 -6.85 10.01
N ASN B 77 -17.54 -6.97 10.34
CA ASN B 77 -16.46 -7.33 9.45
C ASN B 77 -15.91 -8.70 9.84
N THR B 78 -16.79 -9.69 9.83
CA THR B 78 -16.39 -11.09 9.95
C THR B 78 -16.88 -11.85 8.73
N VAL B 79 -16.13 -12.87 8.35
CA VAL B 79 -16.49 -13.71 7.20
C VAL B 79 -16.18 -15.16 7.57
N SER B 80 -16.99 -16.08 7.03
CA SER B 80 -16.79 -17.52 7.20
C SER B 80 -16.65 -18.16 5.84
N LEU B 81 -15.88 -19.25 5.78
CA LEU B 81 -15.74 -20.03 4.56
C LEU B 81 -15.93 -21.48 4.95
N GLN B 82 -16.96 -22.14 4.43
CA GLN B 82 -17.09 -23.57 4.67
C GLN B 82 -16.62 -24.31 3.44
N MET B 83 -15.70 -25.25 3.62
CA MET B 83 -15.19 -26.07 2.54
C MET B 83 -15.69 -27.49 2.74
N ASN B 84 -16.31 -28.08 1.72
CA ASN B 84 -16.78 -29.47 1.84
C ASN B 84 -15.97 -30.38 0.92
N VAL B 85 -16.12 -31.68 1.17
CA VAL B 85 -15.39 -32.73 0.47
C VAL B 85 -13.95 -32.32 0.23
N LEU B 86 -13.21 -32.09 1.32
CA LEU B 86 -11.84 -31.59 1.16
C LEU B 86 -10.98 -32.60 0.42
N LYS B 87 -10.11 -32.09 -0.45
CA LYS B 87 -9.20 -32.89 -1.26
C LYS B 87 -7.79 -32.60 -0.81
N PRO B 88 -6.85 -33.53 -1.04
CA PRO B 88 -5.45 -33.25 -0.67
C PRO B 88 -4.94 -31.94 -1.23
N ASP B 89 -5.29 -31.60 -2.47
CA ASP B 89 -4.80 -30.36 -3.04
C ASP B 89 -5.58 -29.12 -2.57
N ASP B 90 -6.47 -29.25 -1.57
CA ASP B 90 -6.95 -28.06 -0.86
C ASP B 90 -5.96 -27.62 0.21
N THR B 91 -4.91 -28.39 0.43
CA THR B 91 -3.88 -28.04 1.39
C THR B 91 -3.23 -26.73 0.97
N ALA B 92 -3.16 -25.78 1.90
CA ALA B 92 -2.68 -24.43 1.58
C ALA B 92 -2.70 -23.61 2.85
N VAL B 93 -2.07 -22.44 2.78
CA VAL B 93 -2.34 -21.38 3.74
C VAL B 93 -3.51 -20.57 3.19
N TYR B 94 -4.53 -20.36 4.02
CA TYR B 94 -5.72 -19.61 3.60
C TYR B 94 -5.65 -18.22 4.23
N TYR B 95 -5.74 -17.19 3.40
CA TYR B 95 -5.64 -15.81 3.84
C TYR B 95 -6.98 -15.11 3.70
N CYS B 96 -7.32 -14.33 4.72
CA CYS B 96 -8.46 -13.44 4.63
C CYS B 96 -7.96 -12.07 4.07
N ALA B 97 -8.81 -11.41 3.28
CA ALA B 97 -8.51 -10.07 2.75
C ALA B 97 -9.75 -9.21 2.84
N ALA B 98 -9.57 -7.88 2.85
CA ALA B 98 -10.73 -7.00 3.00
C ALA B 98 -10.45 -5.70 2.28
N GLY B 99 -11.51 -5.07 1.75
CA GLY B 99 -11.40 -3.78 1.09
C GLY B 99 -10.99 -3.96 -0.34
N GLY B 100 -11.97 -4.14 -1.22
CA GLY B 100 -11.73 -4.35 -2.62
C GLY B 100 -12.73 -5.35 -3.16
N TRP B 101 -12.53 -5.76 -4.41
CA TRP B 101 -13.39 -6.75 -5.04
C TRP B 101 -12.58 -7.42 -6.15
N GLY B 102 -13.11 -8.51 -6.67
CA GLY B 102 -12.45 -9.19 -7.76
C GLY B 102 -11.41 -10.20 -7.28
N LYS B 103 -10.67 -10.71 -8.26
CA LYS B 103 -9.79 -11.86 -8.06
C LYS B 103 -8.31 -11.52 -8.01
N GLU B 104 -7.93 -10.25 -8.10
CA GLU B 104 -6.51 -9.91 -8.06
C GLU B 104 -6.09 -9.70 -6.62
N ARG B 105 -4.78 -9.83 -6.39
CA ARG B 105 -4.27 -9.73 -5.01
C ARG B 105 -4.05 -8.28 -4.60
N ASN B 106 -5.00 -7.37 -4.83
CA ASN B 106 -4.74 -5.97 -4.51
C ASN B 106 -5.69 -5.42 -3.45
N TYR B 107 -6.37 -6.31 -2.71
CA TYR B 107 -7.21 -5.86 -1.61
C TYR B 107 -6.39 -5.04 -0.63
N ALA B 108 -7.05 -4.15 0.12
CA ALA B 108 -6.31 -3.23 0.98
C ALA B 108 -5.71 -3.92 2.19
N TYR B 109 -6.44 -4.87 2.83
CA TYR B 109 -6.01 -5.47 4.08
C TYR B 109 -5.94 -6.99 3.93
N TRP B 110 -4.95 -7.59 4.60
CA TRP B 110 -4.64 -9.02 4.46
C TRP B 110 -4.31 -9.61 5.82
N GLY B 111 -4.83 -10.81 6.10
CA GLY B 111 -4.38 -11.53 7.27
C GLY B 111 -3.04 -12.24 6.98
N GLN B 112 -2.46 -12.80 8.04
CA GLN B 112 -1.22 -13.61 7.95
C GLN B 112 -1.50 -15.07 7.59
N GLY B 113 -2.76 -15.49 7.61
CA GLY B 113 -3.15 -16.77 7.06
C GLY B 113 -3.25 -17.87 8.12
N THR B 114 -4.00 -18.92 7.77
CA THR B 114 -4.13 -20.11 8.60
C THR B 114 -3.87 -21.34 7.73
N GLN B 115 -3.08 -22.28 8.25
CA GLN B 115 -2.71 -23.48 7.51
C GLN B 115 -3.83 -24.51 7.54
N VAL B 116 -4.15 -25.07 6.38
CA VAL B 116 -5.04 -26.23 6.29
C VAL B 116 -4.24 -27.35 5.63
N THR B 117 -4.12 -28.48 6.31
CA THR B 117 -3.41 -29.65 5.76
C THR B 117 -4.38 -30.82 5.69
N VAL B 118 -4.62 -31.33 4.47
CA VAL B 118 -5.57 -32.42 4.21
C VAL B 118 -4.81 -33.73 4.03
N SER B 119 -5.19 -34.74 4.79
CA SER B 119 -4.52 -36.03 4.70
C SER B 119 -5.41 -37.03 3.96
N SER B 120 -4.78 -38.07 3.42
CA SER B 120 -5.52 -39.18 2.83
C SER B 120 -4.76 -40.49 2.94
N HIS B 121 -5.49 -41.59 3.04
CA HIS B 121 -4.92 -42.93 3.08
C HIS B 121 -4.94 -43.56 1.68
N HIS B 122 -3.96 -44.41 1.40
CA HIS B 122 -3.95 -45.13 0.13
C HIS B 122 -3.90 -46.62 0.37
N HIS B 123 -4.84 -47.36 -0.22
CA HIS B 123 -4.88 -48.82 -0.06
C HIS B 123 -4.49 -49.58 -1.33
#